data_1TXZ
#
_entry.id   1TXZ
#
_cell.length_a   107.437
_cell.length_b   37.931
_cell.length_c   62.514
_cell.angle_alpha   90.00
_cell.angle_beta   112.30
_cell.angle_gamma   90.00
#
_symmetry.space_group_name_H-M   'C 1 2 1'
#
loop_
_entity.id
_entity.type
_entity.pdbx_description
1 polymer 'Hypothetical 32.1 kDa protein in ADH3-RCA1 intergenic region'
2 non-polymer 'SULFATE ION'
3 non-polymer 'SODIUM ION'
4 non-polymer ADENOSINE-5-DIPHOSPHORIBOSE
5 non-polymer 1,2-ETHANEDIOL
6 water water
#
_entity_poly.entity_id   1
_entity_poly.type   'polypeptide(L)'
_entity_poly.pdbx_seq_one_letter_code
;MTGSLNRHSLLNGVKKMRIILCDTNEVVTNLWQESIPHAYIQNDKYLCIHHGHLQSLMDSMRKGDAIHHGHSYAIVSPGN
SYGYLGGGFDKALYNYFGGKPFETWFRNQLGGRYHTVGSATVVDLQRCLEEKTIECRDGIRYIIHVPTVVAPSAPIFNPQ
NPLKTGFEPVFNAMWNALMHSPKDIDGLIIPGLCTGYAGVPPIISCKSMAFALRLYMAGDHISKELKNVLIMYYLQYPFE
PFFPESCKIECQKLGIDIEMLKSFNVEKDAIELLIPRRILTLDL
;
_entity_poly.pdbx_strand_id   A
#
loop_
_chem_comp.id
_chem_comp.type
_chem_comp.name
_chem_comp.formula
APR non-polymer ADENOSINE-5-DIPHOSPHORIBOSE 'C15 H23 N5 O14 P2'
EDO non-polymer 1,2-ETHANEDIOL 'C2 H6 O2'
NA non-polymer 'SODIUM ION' 'Na 1'
SO4 non-polymer 'SULFATE ION' 'O4 S -2'
#
# COMPACT_ATOMS: atom_id res chain seq x y z
N LYS A 16 12.57 10.89 5.39
CA LYS A 16 13.81 10.41 4.74
C LYS A 16 13.47 9.73 3.42
N MET A 17 12.65 8.68 3.49
CA MET A 17 12.23 7.94 2.32
C MET A 17 11.03 8.66 1.70
N ARG A 18 11.10 8.96 0.41
CA ARG A 18 10.00 9.61 -0.26
C ARG A 18 8.97 8.59 -0.72
N ILE A 19 7.70 8.91 -0.54
CA ILE A 19 6.62 8.02 -0.95
C ILE A 19 5.87 8.68 -2.08
N ILE A 20 5.84 8.02 -3.24
CA ILE A 20 5.15 8.58 -4.40
C ILE A 20 3.90 7.79 -4.75
N LEU A 21 2.75 8.40 -4.58
CA LEU A 21 1.48 7.77 -4.92
C LEU A 21 1.21 8.14 -6.37
N CYS A 22 1.13 7.13 -7.23
CA CYS A 22 0.91 7.36 -8.65
C CYS A 22 -0.28 6.57 -9.14
N ASP A 23 -1.19 7.22 -9.87
CA ASP A 23 -2.37 6.54 -10.40
C ASP A 23 -3.00 7.34 -11.54
N THR A 24 -3.49 6.65 -12.55
CA THR A 24 -4.12 7.30 -13.69
C THR A 24 -5.55 7.74 -13.40
N ASN A 25 -6.17 7.14 -12.39
CA ASN A 25 -7.55 7.50 -12.03
C ASN A 25 -7.53 8.72 -11.12
N GLU A 26 -8.03 9.85 -11.65
CA GLU A 26 -8.04 11.08 -10.87
C GLU A 26 -8.90 10.99 -9.62
N VAL A 27 -9.83 10.05 -9.61
CA VAL A 27 -10.68 9.88 -8.44
C VAL A 27 -9.78 9.37 -7.30
N VAL A 28 -8.87 8.46 -7.64
CA VAL A 28 -7.95 7.91 -6.65
C VAL A 28 -6.99 9.00 -6.17
N THR A 29 -6.41 9.75 -7.10
CA THR A 29 -5.49 10.82 -6.71
C THR A 29 -6.20 11.92 -5.94
N ASN A 30 -7.41 12.25 -6.32
CA ASN A 30 -8.15 13.29 -5.60
C ASN A 30 -8.40 12.83 -4.17
N LEU A 31 -8.84 11.59 -4.01
CA LEU A 31 -9.11 11.04 -2.69
C LEU A 31 -7.85 10.98 -1.84
N TRP A 32 -6.70 10.71 -2.48
CA TRP A 32 -5.46 10.65 -1.74
C TRP A 32 -5.17 12.03 -1.17
N GLN A 33 -5.36 13.06 -1.99
CA GLN A 33 -5.14 14.44 -1.57
C GLN A 33 -5.93 14.78 -0.31
N GLU A 34 -7.18 14.31 -0.27
CA GLU A 34 -8.09 14.59 0.85
C GLU A 34 -7.78 13.88 2.17
N SER A 35 -7.36 12.62 2.10
CA SER A 35 -7.10 11.84 3.29
C SER A 35 -5.66 11.77 3.79
N ILE A 36 -4.77 12.54 3.17
CA ILE A 36 -3.37 12.55 3.59
C ILE A 36 -2.89 13.99 3.77
N PRO A 37 -2.20 14.28 4.89
CA PRO A 37 -1.69 15.62 5.16
C PRO A 37 -0.76 16.16 4.07
N LYS A 45 7.77 16.98 -0.88
CA LYS A 45 8.35 16.66 0.42
C LYS A 45 8.52 15.15 0.62
N TYR A 46 8.12 14.67 1.80
CA TYR A 46 8.23 13.26 2.12
C TYR A 46 7.25 12.40 1.31
N LEU A 47 6.16 12.99 0.84
CA LEU A 47 5.17 12.25 0.06
C LEU A 47 4.70 13.09 -1.12
N CYS A 48 4.55 12.44 -2.27
CA CYS A 48 4.12 13.11 -3.51
C CYS A 48 2.99 12.33 -4.18
N ILE A 49 2.06 13.04 -4.80
CA ILE A 49 0.96 12.41 -5.50
C ILE A 49 1.03 12.78 -6.98
N HIS A 50 1.00 11.77 -7.84
CA HIS A 50 1.08 12.00 -9.27
C HIS A 50 -0.08 11.39 -10.05
N HIS A 51 -0.91 12.25 -10.63
CA HIS A 51 -2.03 11.78 -11.43
C HIS A 51 -1.45 11.55 -12.83
N GLY A 52 -1.40 10.30 -13.26
CA GLY A 52 -0.86 10.01 -14.57
C GLY A 52 -0.25 8.63 -14.68
N HIS A 53 0.19 8.27 -15.88
CA HIS A 53 0.78 6.96 -16.12
C HIS A 53 2.13 6.80 -15.45
N LEU A 54 2.42 5.57 -15.02
CA LEU A 54 3.68 5.27 -14.37
C LEU A 54 4.83 5.57 -15.32
N GLN A 55 4.64 5.23 -16.59
CA GLN A 55 5.67 5.44 -17.60
C GLN A 55 6.18 6.88 -17.63
N SER A 56 5.26 7.83 -17.58
CA SER A 56 5.62 9.24 -17.61
C SER A 56 6.30 9.69 -16.32
N LEU A 57 5.90 9.10 -15.20
CA LEU A 57 6.52 9.43 -13.93
C LEU A 57 7.97 8.95 -13.99
N MET A 58 8.19 7.84 -14.69
CA MET A 58 9.53 7.30 -14.84
C MET A 58 10.35 8.22 -15.75
N ASP A 59 9.75 8.64 -16.86
CA ASP A 59 10.44 9.53 -17.79
C ASP A 59 10.75 10.81 -17.02
N SER A 60 9.79 11.23 -16.21
CA SER A 60 9.96 12.42 -15.38
C SER A 60 11.08 12.21 -14.39
N MET A 61 11.34 10.94 -14.08
CA MET A 61 12.38 10.57 -13.14
C MET A 61 13.72 10.43 -13.86
N ARG A 62 14.18 11.55 -14.43
CA ARG A 62 15.45 11.60 -15.14
C ARG A 62 15.95 13.04 -15.24
N LYS A 63 15.29 13.94 -14.51
CA LYS A 63 15.65 15.35 -14.51
C LYS A 63 15.85 15.85 -13.08
N GLY A 64 16.15 14.92 -12.18
CA GLY A 64 16.36 15.27 -10.78
C GLY A 64 17.78 15.03 -10.29
N ASP A 65 18.26 13.80 -10.44
CA ASP A 65 19.62 13.46 -10.00
C ASP A 65 20.59 13.56 -11.17
N ALA A 66 21.26 14.69 -11.27
CA ALA A 66 22.23 14.92 -12.36
C ALA A 66 23.63 15.13 -11.79
N HIS A 71 19.74 7.82 -6.16
CA HIS A 71 18.29 7.65 -6.04
C HIS A 71 17.81 6.30 -6.55
N SER A 72 17.49 5.39 -5.64
CA SER A 72 17.00 4.07 -6.00
C SER A 72 15.57 3.98 -5.49
N TYR A 73 14.70 3.36 -6.27
CA TYR A 73 13.31 3.24 -5.87
C TYR A 73 12.81 1.80 -5.88
N ALA A 74 11.65 1.62 -5.28
CA ALA A 74 10.97 0.34 -5.23
C ALA A 74 9.54 0.63 -5.67
N ILE A 75 8.98 -0.24 -6.49
CA ILE A 75 7.62 -0.06 -6.97
C ILE A 75 6.71 -1.13 -6.41
N VAL A 76 5.63 -0.71 -5.76
CA VAL A 76 4.66 -1.63 -5.22
C VAL A 76 3.75 -1.95 -6.38
N SER A 77 3.52 -3.23 -6.62
CA SER A 77 2.63 -3.60 -7.71
C SER A 77 1.56 -4.56 -7.22
N PRO A 78 0.28 -4.16 -7.34
CA PRO A 78 -0.80 -5.03 -6.90
C PRO A 78 -0.98 -6.07 -8.01
N GLY A 79 -0.69 -7.34 -7.71
CA GLY A 79 -0.82 -8.34 -8.75
C GLY A 79 -1.77 -9.47 -8.41
N ASN A 80 -1.56 -10.60 -9.09
CA ASN A 80 -2.36 -11.79 -8.86
C ASN A 80 -1.48 -12.80 -8.15
N SER A 81 -2.09 -13.88 -7.67
CA SER A 81 -1.33 -14.90 -6.96
C SER A 81 -0.31 -15.66 -7.80
N TYR A 82 -0.35 -15.47 -9.11
CA TYR A 82 0.59 -16.18 -9.98
C TYR A 82 1.69 -15.38 -10.61
N GLY A 83 1.70 -14.07 -10.39
CA GLY A 83 2.75 -13.25 -10.94
C GLY A 83 2.62 -12.87 -12.42
N TYR A 84 1.47 -13.13 -13.04
CA TYR A 84 1.28 -12.75 -14.43
C TYR A 84 1.12 -11.23 -14.44
N LEU A 85 1.63 -10.58 -15.49
CA LEU A 85 1.54 -9.12 -15.60
C LEU A 85 0.74 -8.69 -16.82
N GLY A 86 -0.39 -9.33 -17.06
CA GLY A 86 -1.21 -9.01 -18.22
C GLY A 86 -2.20 -7.87 -18.15
N GLY A 87 -2.32 -7.19 -17.02
CA GLY A 87 -3.28 -6.10 -16.97
C GLY A 87 -3.03 -5.07 -15.88
N GLY A 88 -3.74 -3.95 -15.94
CA GLY A 88 -3.60 -2.90 -14.93
C GLY A 88 -2.19 -2.37 -14.76
N PHE A 89 -1.83 -2.04 -13.52
CA PHE A 89 -0.52 -1.51 -13.20
C PHE A 89 0.58 -2.50 -13.62
N ASP A 90 0.35 -3.79 -13.38
CA ASP A 90 1.32 -4.81 -13.76
C ASP A 90 1.68 -4.71 -15.23
N LYS A 91 0.69 -4.36 -16.05
CA LYS A 91 0.93 -4.24 -17.48
C LYS A 91 1.93 -3.12 -17.77
N ALA A 92 1.87 -2.03 -17.02
CA ALA A 92 2.81 -0.92 -17.21
C ALA A 92 4.21 -1.44 -16.90
N LEU A 93 4.30 -2.25 -15.85
CA LEU A 93 5.57 -2.85 -15.44
C LEU A 93 6.06 -3.78 -16.55
N TYR A 94 5.14 -4.57 -17.10
CA TYR A 94 5.43 -5.51 -18.17
C TYR A 94 6.05 -4.78 -19.37
N ASN A 95 5.38 -3.73 -19.82
CA ASN A 95 5.87 -2.95 -20.95
C ASN A 95 7.23 -2.34 -20.64
N TYR A 96 7.29 -1.55 -19.58
CA TYR A 96 8.50 -0.85 -19.16
C TYR A 96 9.77 -1.67 -18.92
N PHE A 97 9.62 -2.91 -18.46
CA PHE A 97 10.79 -3.75 -18.17
C PHE A 97 11.21 -4.87 -19.12
N GLY A 98 10.64 -4.92 -20.31
CA GLY A 98 11.04 -5.97 -21.24
C GLY A 98 10.00 -6.97 -21.71
N GLY A 99 8.72 -6.66 -21.51
CA GLY A 99 7.66 -7.54 -21.95
C GLY A 99 7.70 -8.99 -21.49
N LYS A 100 7.35 -9.90 -22.40
CA LYS A 100 7.29 -11.32 -22.13
C LYS A 100 8.60 -11.97 -21.64
N PRO A 101 9.71 -11.74 -22.36
CA PRO A 101 10.92 -12.22 -21.33
C PRO A 101 11.06 -11.76 -19.88
N PHE A 102 10.61 -10.54 -19.61
CA PHE A 102 10.68 -10.00 -18.26
C PHE A 102 9.64 -10.69 -17.38
N GLU A 103 8.45 -10.87 -17.93
CA GLU A 103 7.38 -11.55 -17.19
C GLU A 103 7.86 -12.95 -16.83
N THR A 104 8.50 -13.61 -17.77
CA THR A 104 8.99 -14.96 -17.56
C THR A 104 10.02 -14.96 -16.44
N TRP A 105 10.93 -14.00 -16.48
CA TRP A 105 11.96 -13.88 -15.45
C TRP A 105 11.31 -13.54 -14.10
N PHE A 106 10.38 -12.60 -14.13
CA PHE A 106 9.65 -12.15 -12.95
C PHE A 106 8.97 -13.32 -12.25
N ARG A 107 8.19 -14.09 -12.99
CA ARG A 107 7.50 -15.23 -12.41
C ARG A 107 8.46 -16.26 -11.81
N ASN A 108 9.66 -16.35 -12.38
CA ASN A 108 10.63 -17.30 -11.84
C ASN A 108 11.21 -16.79 -10.53
N GLN A 109 11.34 -15.47 -10.40
CA GLN A 109 11.85 -14.90 -9.17
C GLN A 109 10.86 -15.21 -8.05
N LEU A 110 9.59 -15.35 -8.40
CA LEU A 110 8.56 -15.66 -7.41
C LEU A 110 8.41 -17.16 -7.17
N GLY A 111 9.37 -17.94 -7.68
CA GLY A 111 9.30 -19.38 -7.49
C GLY A 111 8.31 -20.07 -8.42
N GLY A 112 7.76 -19.31 -9.37
CA GLY A 112 6.81 -19.86 -10.31
C GLY A 112 5.59 -20.53 -9.70
N ARG A 113 5.28 -20.19 -8.45
CA ARG A 113 4.14 -20.79 -7.80
C ARG A 113 3.20 -19.83 -7.09
N TYR A 114 2.08 -20.38 -6.65
CA TYR A 114 1.04 -19.66 -5.95
C TYR A 114 1.50 -18.89 -4.71
N HIS A 115 1.22 -17.59 -4.69
CA HIS A 115 1.53 -16.75 -3.54
C HIS A 115 0.17 -16.23 -3.09
N THR A 116 -0.17 -16.40 -1.82
CA THR A 116 -1.46 -15.97 -1.33
C THR A 116 -1.69 -14.47 -1.25
N VAL A 117 -2.96 -14.09 -1.28
CA VAL A 117 -3.29 -12.68 -1.11
C VAL A 117 -2.90 -12.57 0.38
N GLY A 118 -2.26 -11.48 0.77
CA GLY A 118 -1.84 -11.36 2.15
C GLY A 118 -0.33 -11.57 2.25
N SER A 119 0.30 -11.89 1.12
CA SER A 119 1.74 -12.08 1.09
C SER A 119 2.36 -10.91 0.32
N ALA A 120 3.67 -10.76 0.42
CA ALA A 120 4.39 -9.69 -0.27
C ALA A 120 5.78 -10.24 -0.60
N THR A 121 6.21 -10.10 -1.85
CA THR A 121 7.52 -10.60 -2.23
C THR A 121 8.32 -9.55 -2.97
N VAL A 122 9.53 -9.30 -2.50
CA VAL A 122 10.40 -8.33 -3.14
C VAL A 122 11.22 -8.98 -4.23
N VAL A 123 11.14 -8.44 -5.44
CA VAL A 123 11.90 -8.96 -6.57
C VAL A 123 13.02 -7.95 -6.83
N ASP A 124 14.26 -8.41 -6.75
CA ASP A 124 15.42 -7.56 -6.95
C ASP A 124 15.79 -7.50 -8.43
N LEU A 125 15.63 -6.33 -9.03
CA LEU A 125 15.95 -6.14 -10.43
C LEU A 125 17.45 -5.99 -10.64
N GLN A 126 18.21 -5.94 -9.55
CA GLN A 126 19.66 -5.78 -9.63
C GLN A 126 20.23 -6.89 -10.50
N ARG A 127 19.56 -8.04 -10.45
CA ARG A 127 19.96 -9.21 -11.23
C ARG A 127 19.90 -8.93 -12.73
N CYS A 128 19.48 -7.73 -13.11
CA CYS A 128 19.38 -7.34 -14.51
C CYS A 128 20.78 -7.42 -15.13
N LEU A 129 21.80 -7.20 -14.30
CA LEU A 129 23.19 -7.25 -14.73
C LEU A 129 23.61 -8.70 -14.88
N GLU A 130 22.79 -9.60 -14.35
CA GLU A 130 23.03 -11.03 -14.43
C GLU A 130 24.46 -11.40 -14.05
N GLU A 135 18.40 -5.35 -18.87
CA GLU A 135 17.02 -5.13 -18.45
C GLU A 135 16.93 -3.98 -17.46
N CYS A 136 18.08 -3.51 -17.00
CA CYS A 136 18.13 -2.41 -16.04
C CYS A 136 17.54 -1.12 -16.59
N ARG A 137 16.87 -0.35 -15.73
CA ARG A 137 16.28 0.92 -16.15
C ARG A 137 16.03 1.91 -15.02
N ASP A 138 16.38 3.16 -15.26
CA ASP A 138 16.20 4.23 -14.30
C ASP A 138 16.80 3.91 -12.93
N GLY A 139 16.14 4.35 -11.87
CA GLY A 139 16.63 4.09 -10.54
C GLY A 139 15.82 3.03 -9.81
N ILE A 140 15.01 2.29 -10.57
CA ILE A 140 14.18 1.24 -9.99
C ILE A 140 14.96 -0.04 -9.76
N ARG A 141 15.11 -0.42 -8.49
CA ARG A 141 15.81 -1.65 -8.20
C ARG A 141 14.88 -2.75 -7.74
N TYR A 142 13.75 -2.38 -7.14
CA TYR A 142 12.82 -3.37 -6.62
C TYR A 142 11.36 -3.24 -7.02
N ILE A 143 10.71 -4.40 -7.10
CA ILE A 143 9.29 -4.46 -7.35
C ILE A 143 8.78 -5.25 -6.15
N ILE A 144 7.87 -4.65 -5.39
CA ILE A 144 7.30 -5.34 -4.24
C ILE A 144 5.98 -5.91 -4.74
N HIS A 145 5.98 -7.21 -5.05
CA HIS A 145 4.82 -7.91 -5.56
C HIS A 145 3.84 -8.25 -4.45
N VAL A 146 2.66 -7.64 -4.51
CA VAL A 146 1.63 -7.86 -3.50
C VAL A 146 0.37 -8.37 -4.16
N PRO A 147 0.13 -9.69 -4.13
CA PRO A 147 -1.09 -10.20 -4.76
C PRO A 147 -2.36 -9.65 -4.13
N THR A 148 -3.23 -9.06 -4.95
CA THR A 148 -4.49 -8.51 -4.44
C THR A 148 -5.67 -9.37 -4.90
N VAL A 149 -5.42 -10.27 -5.85
CA VAL A 149 -6.45 -11.18 -6.34
C VAL A 149 -5.75 -12.48 -6.70
N VAL A 150 -6.47 -13.59 -6.61
CA VAL A 150 -5.92 -14.90 -6.97
C VAL A 150 -5.79 -14.81 -8.49
N ALA A 151 -6.88 -14.40 -9.12
CA ALA A 151 -6.91 -14.20 -10.57
C ALA A 151 -8.00 -13.15 -10.85
N PRO A 152 -7.81 -12.34 -11.90
CA PRO A 152 -8.79 -11.31 -12.25
C PRO A 152 -10.03 -11.84 -12.97
N SER A 153 -10.62 -12.91 -12.46
CA SER A 153 -11.80 -13.49 -13.10
C SER A 153 -13.06 -12.77 -12.62
N ALA A 154 -12.94 -12.06 -11.51
CA ALA A 154 -14.05 -11.32 -10.93
C ALA A 154 -13.53 -10.41 -9.82
N PRO A 155 -14.28 -9.35 -9.50
CA PRO A 155 -13.86 -8.42 -8.44
C PRO A 155 -13.81 -9.14 -7.11
N ILE A 156 -12.99 -8.65 -6.18
CA ILE A 156 -12.92 -9.26 -4.87
C ILE A 156 -13.93 -8.55 -3.98
N PHE A 157 -14.36 -7.37 -4.42
CA PHE A 157 -15.28 -6.57 -3.63
C PHE A 157 -16.73 -7.05 -3.62
N ASN A 158 -17.38 -6.86 -2.48
CA ASN A 158 -18.78 -7.23 -2.30
C ASN A 158 -19.40 -6.17 -1.39
N PRO A 159 -20.29 -5.34 -1.93
CA PRO A 159 -20.93 -4.28 -1.13
C PRO A 159 -21.66 -4.78 0.13
N GLN A 160 -21.89 -6.09 0.21
CA GLN A 160 -22.55 -6.66 1.38
C GLN A 160 -21.60 -6.52 2.57
N ASN A 161 -20.29 -6.63 2.32
CA ASN A 161 -19.33 -6.44 3.40
C ASN A 161 -18.10 -5.72 2.86
N PRO A 162 -18.16 -4.37 2.86
CA PRO A 162 -17.05 -3.55 2.37
C PRO A 162 -15.82 -3.66 3.25
N LEU A 163 -16.02 -4.17 4.45
CA LEU A 163 -14.93 -4.33 5.41
C LEU A 163 -14.04 -5.53 5.07
N LYS A 164 -14.64 -6.70 5.00
CA LYS A 164 -13.90 -7.92 4.70
C LYS A 164 -13.44 -8.01 3.25
N THR A 165 -14.12 -7.28 2.36
CA THR A 165 -13.76 -7.34 0.95
C THR A 165 -13.20 -6.04 0.40
N GLY A 166 -12.99 -5.06 1.28
CA GLY A 166 -12.47 -3.78 0.82
C GLY A 166 -11.48 -3.13 1.77
N PHE A 167 -11.98 -2.57 2.85
CA PHE A 167 -11.12 -1.91 3.82
C PHE A 167 -9.98 -2.78 4.31
N GLU A 168 -10.30 -4.00 4.71
CA GLU A 168 -9.31 -4.94 5.24
C GLU A 168 -8.26 -5.40 4.24
N PRO A 169 -8.68 -5.97 3.09
CA PRO A 169 -7.68 -6.41 2.12
C PRO A 169 -6.77 -5.29 1.63
N VAL A 170 -7.32 -4.09 1.44
CA VAL A 170 -6.49 -2.97 0.99
C VAL A 170 -5.49 -2.60 2.10
N PHE A 171 -5.97 -2.52 3.34
CA PHE A 171 -5.04 -2.18 4.42
C PHE A 171 -3.90 -3.19 4.51
N ASN A 172 -4.25 -4.48 4.47
CA ASN A 172 -3.27 -5.55 4.57
C ASN A 172 -2.24 -5.45 3.45
N ALA A 173 -2.72 -5.18 2.24
CA ALA A 173 -1.80 -5.08 1.11
C ALA A 173 -0.86 -3.89 1.27
N MET A 174 -1.37 -2.77 1.77
CA MET A 174 -0.57 -1.57 1.98
C MET A 174 0.42 -1.76 3.13
N TRP A 175 -0.06 -2.35 4.22
CA TRP A 175 0.77 -2.60 5.39
C TRP A 175 1.94 -3.51 5.04
N ASN A 176 1.65 -4.57 4.29
CA ASN A 176 2.70 -5.50 3.89
C ASN A 176 3.69 -4.87 2.94
N ALA A 177 3.20 -4.08 1.99
CA ALA A 177 4.09 -3.42 1.03
C ALA A 177 5.06 -2.51 1.77
N LEU A 178 4.54 -1.79 2.76
CA LEU A 178 5.35 -0.87 3.56
C LEU A 178 6.32 -1.64 4.43
N MET A 179 5.84 -2.69 5.08
CA MET A 179 6.71 -3.50 5.93
C MET A 179 7.81 -4.20 5.16
N HIS A 180 7.57 -4.44 3.87
CA HIS A 180 8.55 -5.12 3.02
C HIS A 180 9.43 -4.19 2.20
N SER A 181 9.19 -2.89 2.34
CA SER A 181 9.96 -1.89 1.61
C SER A 181 11.44 -1.94 2.04
N PRO A 182 12.36 -2.21 1.09
CA PRO A 182 13.79 -2.26 1.43
C PRO A 182 14.21 -0.94 2.07
N LYS A 183 14.96 -1.01 3.15
CA LYS A 183 15.39 0.20 3.85
C LYS A 183 16.45 1.02 3.11
N ASP A 184 17.00 0.45 2.04
CA ASP A 184 18.02 1.14 1.25
C ASP A 184 17.49 2.07 0.15
N ILE A 185 16.19 2.03 -0.15
CA ILE A 185 15.65 2.87 -1.21
C ILE A 185 15.42 4.33 -0.83
N ASP A 186 15.42 5.18 -1.85
CA ASP A 186 15.19 6.62 -1.68
C ASP A 186 13.69 6.93 -1.78
N GLY A 187 13.00 6.21 -2.66
CA GLY A 187 11.58 6.44 -2.83
C GLY A 187 10.78 5.17 -3.06
N LEU A 188 9.51 5.24 -2.70
CA LEU A 188 8.59 4.11 -2.85
C LEU A 188 7.41 4.54 -3.71
N ILE A 189 7.25 3.91 -4.87
CA ILE A 189 6.17 4.23 -5.79
C ILE A 189 5.00 3.26 -5.56
N ILE A 190 3.82 3.82 -5.28
CA ILE A 190 2.64 3.00 -5.02
C ILE A 190 1.39 3.50 -5.73
N PRO A 191 0.67 2.60 -6.39
CA PRO A 191 -0.55 2.99 -7.08
C PRO A 191 -1.75 2.66 -6.18
N GLY A 192 -2.96 2.92 -6.65
CA GLY A 192 -4.12 2.58 -5.86
C GLY A 192 -4.08 1.06 -5.75
N LEU A 193 -4.45 0.52 -4.61
CA LEU A 193 -4.42 -0.94 -4.43
C LEU A 193 -5.84 -1.49 -4.42
N CYS A 194 -6.05 -2.52 -5.23
CA CYS A 194 -7.34 -3.19 -5.33
C CYS A 194 -8.40 -2.34 -6.03
N THR A 195 -7.99 -1.17 -6.50
CA THR A 195 -8.89 -0.23 -7.15
C THR A 195 -9.11 -0.43 -8.66
N GLY A 196 -8.54 -1.51 -9.20
CA GLY A 196 -8.69 -1.77 -10.63
C GLY A 196 -9.49 -3.05 -10.83
N TYR A 197 -8.81 -4.11 -11.27
CA TYR A 197 -9.47 -5.37 -11.49
C TYR A 197 -10.08 -5.96 -10.22
N ALA A 198 -9.52 -5.63 -9.06
CA ALA A 198 -10.06 -6.16 -7.80
C ALA A 198 -11.46 -5.56 -7.55
N GLY A 199 -11.70 -4.39 -8.14
CA GLY A 199 -12.99 -3.73 -8.02
C GLY A 199 -13.38 -3.06 -6.72
N VAL A 200 -12.41 -2.74 -5.88
CA VAL A 200 -12.70 -2.06 -4.61
C VAL A 200 -12.88 -0.56 -4.89
N PRO A 201 -13.99 0.03 -4.43
CA PRO A 201 -14.21 1.46 -4.67
C PRO A 201 -13.04 2.29 -4.14
N PRO A 202 -12.60 3.30 -4.90
CA PRO A 202 -11.50 4.14 -4.46
C PRO A 202 -11.73 4.77 -3.08
N ILE A 203 -12.98 5.17 -2.83
CA ILE A 203 -13.35 5.80 -1.56
C ILE A 203 -13.02 4.89 -0.37
N ILE A 204 -13.10 3.58 -0.59
CA ILE A 204 -12.78 2.62 0.46
C ILE A 204 -11.26 2.37 0.48
N SER A 205 -10.69 2.01 -0.67
CA SER A 205 -9.25 1.74 -0.74
C SER A 205 -8.37 2.89 -0.26
N CYS A 206 -8.61 4.08 -0.80
CA CYS A 206 -7.82 5.25 -0.42
C CYS A 206 -7.83 5.46 1.09
N LYS A 207 -8.95 5.18 1.74
CA LYS A 207 -9.02 5.36 3.18
C LYS A 207 -8.09 4.41 3.93
N SER A 208 -8.07 3.14 3.51
CA SER A 208 -7.20 2.17 4.16
C SER A 208 -5.75 2.44 3.81
N MET A 209 -5.49 2.91 2.60
CA MET A 209 -4.12 3.22 2.21
C MET A 209 -3.66 4.41 3.06
N ALA A 210 -4.54 5.38 3.23
CA ALA A 210 -4.23 6.57 4.02
C ALA A 210 -3.94 6.21 5.47
N PHE A 211 -4.72 5.27 6.02
CA PHE A 211 -4.51 4.83 7.39
C PHE A 211 -3.16 4.11 7.56
N ALA A 212 -2.87 3.18 6.67
CA ALA A 212 -1.62 2.43 6.75
C ALA A 212 -0.45 3.40 6.66
N LEU A 213 -0.54 4.37 5.75
CA LEU A 213 0.51 5.36 5.56
C LEU A 213 0.63 6.30 6.75
N ARG A 214 -0.50 6.59 7.39
CA ARG A 214 -0.49 7.48 8.54
C ARG A 214 0.18 6.81 9.73
N LEU A 215 0.02 5.50 9.86
CA LEU A 215 0.65 4.76 10.96
C LEU A 215 2.16 4.76 10.74
N TYR A 216 2.55 4.47 9.50
CA TYR A 216 3.95 4.40 9.09
C TYR A 216 4.66 5.75 9.28
N MET A 217 3.98 6.81 8.92
CA MET A 217 4.56 8.15 9.03
C MET A 217 4.54 8.70 10.46
N ALA A 218 3.87 7.99 11.36
CA ALA A 218 3.83 8.42 12.75
C ALA A 218 5.14 8.02 13.40
N GLY A 219 5.89 7.17 12.70
CA GLY A 219 7.17 6.71 13.20
C GLY A 219 7.10 6.16 14.60
N ASP A 220 8.00 6.61 15.46
CA ASP A 220 8.05 6.13 16.84
C ASP A 220 7.18 6.96 17.78
N HIS A 221 6.47 7.94 17.22
CA HIS A 221 5.60 8.79 18.02
C HIS A 221 4.43 7.99 18.61
N ILE A 222 4.26 6.76 18.12
CA ILE A 222 3.22 5.86 18.60
C ILE A 222 3.91 4.50 18.75
N SER A 223 3.79 3.86 19.91
CA SER A 223 4.45 2.57 20.11
C SER A 223 3.89 1.53 19.15
N LYS A 224 4.67 0.49 18.89
CA LYS A 224 4.24 -0.57 17.99
C LYS A 224 2.97 -1.21 18.53
N GLU A 225 2.91 -1.38 19.85
CA GLU A 225 1.74 -2.01 20.44
C GLU A 225 0.47 -1.19 20.23
N LEU A 226 0.58 0.12 20.36
CA LEU A 226 -0.59 0.98 20.19
C LEU A 226 -1.05 0.94 18.74
N LYS A 227 -0.09 0.92 17.82
CA LYS A 227 -0.41 0.84 16.41
C LYS A 227 -1.18 -0.47 16.21
N ASN A 228 -0.75 -1.54 16.88
CA ASN A 228 -1.46 -2.82 16.77
C ASN A 228 -2.91 -2.66 17.21
N VAL A 229 -3.12 -1.94 18.30
CA VAL A 229 -4.46 -1.70 18.82
C VAL A 229 -5.29 -0.85 17.86
N LEU A 230 -4.68 0.18 17.29
CA LEU A 230 -5.40 1.05 16.36
C LEU A 230 -5.87 0.27 15.12
N ILE A 231 -5.02 -0.65 14.66
CA ILE A 231 -5.34 -1.46 13.51
C ILE A 231 -6.51 -2.37 13.86
N MET A 232 -6.43 -3.00 15.02
CA MET A 232 -7.46 -3.91 15.49
C MET A 232 -8.84 -3.27 15.52
N TYR A 233 -8.92 -2.05 16.03
CA TYR A 233 -10.20 -1.35 16.09
C TYR A 233 -10.59 -0.75 14.73
N TYR A 234 -9.60 -0.36 13.94
CA TYR A 234 -9.88 0.17 12.61
C TYR A 234 -10.58 -0.93 11.80
N LEU A 235 -10.09 -2.17 11.95
CA LEU A 235 -10.64 -3.32 11.25
C LEU A 235 -11.87 -3.90 11.94
N GLN A 236 -12.33 -3.20 12.97
CA GLN A 236 -13.52 -3.61 13.71
C GLN A 236 -13.49 -4.97 14.40
N TYR A 237 -12.38 -5.24 15.08
CA TYR A 237 -12.22 -6.49 15.83
C TYR A 237 -12.03 -6.00 17.27
N PRO A 238 -13.11 -5.52 17.90
CA PRO A 238 -13.04 -5.03 19.27
C PRO A 238 -12.76 -6.10 20.32
N PHE A 239 -11.52 -6.56 20.39
CA PHE A 239 -11.15 -7.57 21.37
C PHE A 239 -10.36 -6.94 22.53
N GLU A 240 -11.07 -6.62 23.60
CA GLU A 240 -10.50 -5.99 24.78
C GLU A 240 -9.22 -6.62 25.35
N PRO A 241 -9.18 -7.95 25.47
CA PRO A 241 -7.97 -8.58 26.01
C PRO A 241 -6.71 -8.23 25.24
N PHE A 242 -6.86 -7.76 24.00
CA PHE A 242 -5.72 -7.38 23.17
C PHE A 242 -5.46 -5.88 23.24
N PHE A 243 -6.05 -5.23 24.24
CA PHE A 243 -5.88 -3.78 24.43
C PHE A 243 -5.17 -3.63 25.77
N PRO A 244 -3.83 -3.69 25.78
CA PRO A 244 -3.10 -3.55 27.04
C PRO A 244 -3.29 -2.22 27.75
N GLU A 245 -3.19 -2.26 29.08
CA GLU A 245 -3.35 -1.07 29.90
C GLU A 245 -2.31 -0.01 29.50
N SER A 246 -1.11 -0.45 29.15
CA SER A 246 -0.05 0.48 28.76
C SER A 246 -0.48 1.30 27.54
N CYS A 247 -1.25 0.68 26.65
CA CYS A 247 -1.72 1.40 25.47
C CYS A 247 -2.83 2.37 25.82
N LYS A 248 -3.59 2.04 26.86
CA LYS A 248 -4.67 2.91 27.30
C LYS A 248 -4.02 4.17 27.86
N ILE A 249 -2.97 3.98 28.64
CA ILE A 249 -2.25 5.10 29.22
C ILE A 249 -1.62 5.93 28.10
N GLU A 250 -1.19 5.28 27.03
CA GLU A 250 -0.59 5.98 25.90
C GLU A 250 -1.61 6.80 25.12
N CYS A 251 -2.86 6.34 25.07
CA CYS A 251 -3.91 7.08 24.36
C CYS A 251 -4.21 8.36 25.13
N GLN A 252 -4.26 8.26 26.45
CA GLN A 252 -4.55 9.42 27.30
C GLN A 252 -3.43 10.44 27.11
N LYS A 253 -2.20 9.95 27.02
CA LYS A 253 -1.04 10.82 26.85
C LYS A 253 -1.01 11.45 25.46
N LEU A 254 -1.41 10.69 24.44
CA LEU A 254 -1.42 11.18 23.06
C LEU A 254 -2.63 12.01 22.65
N GLY A 255 -3.65 12.03 23.51
CA GLY A 255 -4.85 12.79 23.20
C GLY A 255 -5.86 12.02 22.37
N ILE A 256 -5.77 10.69 22.40
CA ILE A 256 -6.69 9.85 21.65
C ILE A 256 -7.86 9.46 22.54
N ASP A 257 -9.07 9.74 22.07
CA ASP A 257 -10.27 9.41 22.84
C ASP A 257 -10.47 7.89 22.78
N ILE A 258 -10.35 7.25 23.94
CA ILE A 258 -10.49 5.79 24.01
C ILE A 258 -11.89 5.30 23.69
N GLU A 259 -12.92 6.04 24.11
CA GLU A 259 -14.30 5.65 23.85
C GLU A 259 -14.56 5.57 22.35
N MET A 260 -14.13 6.60 21.63
CA MET A 260 -14.33 6.65 20.21
C MET A 260 -13.44 5.62 19.48
N LEU A 261 -12.38 5.20 20.15
CA LEU A 261 -11.50 4.21 19.56
C LEU A 261 -12.23 2.88 19.60
N LYS A 262 -12.77 2.53 20.77
CA LYS A 262 -13.49 1.28 20.97
C LYS A 262 -14.75 1.17 20.12
N SER A 263 -15.20 2.27 19.54
CA SER A 263 -16.39 2.25 18.70
C SER A 263 -16.10 2.76 17.30
N PHE A 264 -14.83 2.82 16.94
CA PHE A 264 -14.46 3.30 15.60
C PHE A 264 -15.27 2.54 14.53
N ASN A 265 -15.86 3.29 13.62
CA ASN A 265 -16.66 2.74 12.53
C ASN A 265 -15.96 3.18 11.26
N VAL A 266 -15.27 2.23 10.61
CA VAL A 266 -14.51 2.54 9.40
C VAL A 266 -15.32 3.21 8.29
N GLU A 267 -16.63 3.02 8.30
CA GLU A 267 -17.47 3.59 7.27
C GLU A 267 -17.92 5.02 7.54
N LYS A 268 -17.76 5.50 8.78
CA LYS A 268 -18.20 6.85 9.12
C LYS A 268 -17.20 7.72 9.88
N ASP A 269 -16.24 7.12 10.56
CA ASP A 269 -15.29 7.92 11.33
C ASP A 269 -13.97 8.26 10.65
N ALA A 270 -13.48 9.45 10.93
CA ALA A 270 -12.23 9.94 10.35
C ALA A 270 -11.03 9.25 10.97
N ILE A 271 -10.02 9.01 10.15
CA ILE A 271 -8.78 8.37 10.58
C ILE A 271 -8.19 9.20 11.71
N GLU A 272 -8.42 10.50 11.64
CA GLU A 272 -7.93 11.44 12.63
C GLU A 272 -8.26 11.00 14.05
N LEU A 273 -9.39 10.31 14.22
CA LEU A 273 -9.81 9.83 15.54
C LEU A 273 -8.87 8.75 16.07
N LEU A 274 -8.10 8.14 15.18
CA LEU A 274 -7.18 7.09 15.58
C LEU A 274 -5.78 7.66 15.69
N ILE A 275 -5.40 8.47 14.70
CA ILE A 275 -4.09 9.09 14.68
C ILE A 275 -4.27 10.59 14.52
N PRO A 276 -4.36 11.32 15.65
CA PRO A 276 -4.54 12.77 15.57
C PRO A 276 -3.39 13.41 14.80
N ARG A 277 -3.73 14.36 13.91
CA ARG A 277 -2.70 15.03 13.12
C ARG A 277 -1.73 15.80 14.01
N ARG A 278 -2.17 16.14 15.22
CA ARG A 278 -1.31 16.85 16.17
C ARG A 278 -0.09 16.01 16.52
N ILE A 279 -0.14 14.73 16.16
CA ILE A 279 0.94 13.79 16.41
C ILE A 279 1.99 13.83 15.32
S SO4 B . 5.13 -10.71 6.92
O1 SO4 B . 4.54 -10.06 5.74
O2 SO4 B . 5.92 -11.87 6.47
O3 SO4 B . 6.00 -9.76 7.63
O4 SO4 B . 4.08 -11.16 7.84
S SO4 C . 0.47 11.14 -18.31
O1 SO4 C . 0.39 12.59 -17.98
O2 SO4 C . -0.89 10.57 -18.33
O3 SO4 C . 1.08 10.97 -19.64
O4 SO4 C . 1.28 10.47 -17.27
NA NA D . -1.54 -4.85 -11.46
N1 APR E . -0.14 3.98 -14.54
C2 APR E . -0.67 4.36 -13.31
N3 APR E . -1.67 3.81 -12.67
C4 APR E . -2.23 2.74 -13.39
C5 APR E . -1.83 2.25 -14.62
C6 APR E . -0.71 2.92 -15.23
N6 APR E . -0.20 2.56 -16.43
N7 APR E . -2.62 1.17 -15.01
C8 APR E . -3.50 1.02 -14.01
N9 APR E . -3.29 1.95 -13.01
C1' APR E . -3.98 2.17 -11.74
C2' APR E . -5.45 1.89 -11.77
O2' APR E . -6.19 3.05 -12.19
C3' APR E . -5.80 1.44 -10.32
O3' APR E . -6.24 2.46 -9.41
O4' APR E . -3.44 1.32 -10.75
C4' APR E . -4.47 0.86 -9.82
C5' APR E . -4.38 -0.65 -9.63
O5' APR E . -5.34 -1.40 -10.40
PA APR E . -4.90 -2.86 -10.93
O1A APR E . -3.62 -2.79 -11.66
O2A APR E . -5.93 -3.38 -11.84
O3A APR E . -4.75 -3.69 -9.62
PB APR E . -5.81 -4.10 -8.45
O1B APR E . -5.46 -4.94 -7.30
O2B APR E . -7.24 -3.96 -8.77
O5D APR E . -5.83 -5.44 -9.36
C5D APR E . -4.65 -6.27 -9.55
O4D APR E . -5.31 -6.83 -11.78
O1D APR E . -4.23 -6.39 -13.80
C1D APR E . -4.46 -7.37 -12.75
O2D APR E . -2.29 -8.61 -12.62
C2D APR E . -3.22 -7.68 -11.99
O3D APR E . -4.26 -9.71 -11.05
C3D APR E . -3.84 -8.36 -10.78
C4D APR E . -4.98 -7.40 -10.49
C1 EDO F . -6.29 -9.04 -17.05
O1 EDO F . -5.44 -8.85 -15.89
C2 EDO F . -5.67 -10.16 -17.89
O2 EDO F . -4.47 -10.58 -17.23
#